data_2HVX
#
_entry.id   2HVX
#
_cell.length_a   73.940
_cell.length_b   73.940
_cell.length_c   49.450
_cell.angle_alpha   90.000
_cell.angle_beta   90.000
_cell.angle_gamma   90.000
#
_symmetry.space_group_name_H-M   'P 43'
#
loop_
_entity.id
_entity.type
_entity.pdbx_description
1 polymer Chymase
2 non-polymer '[(1S)-1-(5-CHLORO-1-BENZOTHIEN-3-YL)-2-(2-NAPHTHYLAMINO)-2-OXOETHYL]PHOSPHONIC ACID'
3 water water
#
_entity_poly.entity_id   1
_entity_poly.type   'polypeptide(L)'
_entity_poly.pdbx_seq_one_letter_code
;IIGGTECKPHSRPYMAYLEIVTSNGPSKFCGGFLIRRNFVLTAAHCAGRSITVTLGAHNITEEEDTWQKLEVIKQFRHPK
YNTSTLHHDIMLLKLKEKASLTLAVGTLPFPSQKNFVPPGRMCRVAGWGRTGVLKPGSDTLQEVKLRLMDPQACSHFRDF
DHNLQLCVGNPRKTKSAFKGDSGGPLLCAGAAQGIVSYGRSDAKPPAVFTRISHYQPWINQILQAN
;
_entity_poly.pdbx_strand_id   A
#
loop_
_chem_comp.id
_chem_comp.type
_chem_comp.name
_chem_comp.formula
DRX non-polymer '[(1S)-1-(5-CHLORO-1-BENZOTHIEN-3-YL)-2-(2-NAPHTHYLAMINO)-2-OXOETHYL]PHOSPHONIC ACID' 'C20 H15 Cl N O4 P S'
#
# COMPACT_ATOMS: atom_id res chain seq x y z
N ILE A 1 0.12 -0.62 11.30
CA ILE A 1 -0.70 -1.85 11.40
C ILE A 1 -1.10 -2.08 12.86
N ILE A 2 -2.37 -1.84 13.15
CA ILE A 2 -2.90 -2.01 14.48
C ILE A 2 -3.34 -3.45 14.72
N GLY A 3 -3.06 -3.96 15.91
CA GLY A 3 -3.43 -5.32 16.26
C GLY A 3 -2.82 -6.39 15.37
N GLY A 4 -1.59 -6.18 14.93
CA GLY A 4 -0.92 -7.15 14.08
C GLY A 4 0.31 -7.73 14.74
N THR A 5 1.19 -8.35 13.96
CA THR A 5 2.40 -8.96 14.51
C THR A 5 3.59 -8.66 13.59
N GLU A 6 4.79 -8.61 14.16
CA GLU A 6 5.99 -8.33 13.38
C GLU A 6 6.24 -9.44 12.36
N CYS A 7 6.40 -9.06 11.10
CA CYS A 7 6.65 -10.01 10.02
C CYS A 7 7.95 -10.76 10.24
N LYS A 8 8.07 -11.91 9.61
CA LYS A 8 9.32 -12.65 9.68
C LYS A 8 10.20 -11.86 8.70
N PRO A 9 11.29 -11.24 9.20
CA PRO A 9 12.19 -10.46 8.36
C PRO A 9 12.35 -10.87 6.90
N HIS A 10 12.02 -9.95 6.01
CA HIS A 10 12.13 -10.15 4.57
C HIS A 10 11.18 -11.20 3.99
N SER A 11 10.14 -11.58 4.73
CA SER A 11 9.21 -12.58 4.22
C SER A 11 8.25 -11.96 3.20
N ARG A 12 8.28 -10.65 3.09
CA ARG A 12 7.45 -9.93 2.13
C ARG A 12 8.39 -9.03 1.31
N PRO A 13 9.23 -9.65 0.47
CA PRO A 13 10.24 -9.05 -0.42
C PRO A 13 9.82 -7.91 -1.35
N TYR A 14 8.54 -7.82 -1.66
CA TYR A 14 8.02 -6.77 -2.54
C TYR A 14 7.73 -5.46 -1.80
N MET A 15 7.66 -5.53 -0.48
CA MET A 15 7.38 -4.33 0.28
C MET A 15 8.38 -3.20 0.04
N ALA A 16 7.86 -2.01 -0.19
CA ALA A 16 8.68 -0.81 -0.40
C ALA A 16 8.33 0.27 0.61
N TYR A 17 9.34 0.77 1.31
CA TYR A 17 9.15 1.85 2.30
C TYR A 17 9.41 3.11 1.49
N LEU A 18 8.53 4.11 1.63
CA LEU A 18 8.68 5.35 0.88
C LEU A 18 8.88 6.59 1.74
N GLU A 19 9.99 7.31 1.52
CA GLU A 19 10.23 8.55 2.25
C GLU A 19 9.84 9.61 1.24
N ILE A 20 8.83 10.41 1.59
CA ILE A 20 8.33 11.43 0.67
C ILE A 20 8.66 12.87 1.06
N VAL A 21 9.28 13.58 0.13
CA VAL A 21 9.68 14.97 0.38
C VAL A 21 8.66 15.97 -0.19
N THR A 22 8.26 16.93 0.64
CA THR A 22 7.31 17.96 0.21
C THR A 22 8.00 19.32 0.33
N SER A 23 7.37 20.35 -0.22
CA SER A 23 7.97 21.68 -0.18
C SER A 23 7.90 22.37 1.19
N ASN A 24 6.72 22.48 1.78
CA ASN A 24 6.60 23.16 3.06
C ASN A 24 6.37 22.27 4.28
N GLY A 25 7.18 21.22 4.44
CA GLY A 25 7.00 20.36 5.59
C GLY A 25 8.00 19.22 5.70
N PRO A 26 8.09 18.58 6.87
CA PRO A 26 9.02 17.46 7.11
C PRO A 26 8.62 16.26 6.25
N SER A 27 9.53 15.32 6.06
CA SER A 27 9.25 14.16 5.24
C SER A 27 8.14 13.28 5.80
N LYS A 28 7.36 12.70 4.89
CA LYS A 28 6.27 11.79 5.25
C LYS A 28 6.65 10.40 4.76
N PHE A 29 5.95 9.37 5.22
CA PHE A 29 6.26 8.03 4.73
C PHE A 29 5.01 7.25 4.34
N CYS A 30 5.21 6.22 3.52
CA CYS A 30 4.13 5.36 3.05
C CYS A 30 4.70 4.02 2.67
N GLY A 31 3.80 3.09 2.38
CA GLY A 31 4.22 1.78 1.93
C GLY A 31 3.99 1.74 0.44
N GLY A 32 4.18 0.57 -0.16
CA GLY A 32 3.98 0.41 -1.59
C GLY A 32 4.58 -0.93 -1.95
N PHE A 33 4.52 -1.33 -3.21
CA PHE A 33 5.11 -2.61 -3.57
C PHE A 33 5.72 -2.63 -4.96
N LEU A 34 6.70 -3.50 -5.12
CA LEU A 34 7.43 -3.64 -6.37
C LEU A 34 6.72 -4.56 -7.34
N ILE A 35 6.12 -3.98 -8.37
CA ILE A 35 5.40 -4.79 -9.37
C ILE A 35 6.28 -5.06 -10.58
N ARG A 36 7.36 -4.29 -10.70
CA ARG A 36 8.34 -4.45 -11.78
C ARG A 36 9.67 -4.06 -11.17
N ARG A 37 10.77 -4.58 -11.72
CA ARG A 37 12.09 -4.26 -11.17
C ARG A 37 12.34 -2.76 -11.07
N ASN A 38 11.64 -1.98 -11.86
CA ASN A 38 11.83 -0.54 -11.84
C ASN A 38 10.52 0.22 -11.62
N PHE A 39 9.47 -0.49 -11.20
CA PHE A 39 8.18 0.15 -10.94
C PHE A 39 7.56 -0.25 -9.61
N VAL A 40 7.14 0.75 -8.84
CA VAL A 40 6.51 0.52 -7.55
C VAL A 40 5.09 1.08 -7.54
N LEU A 41 4.15 0.29 -7.04
CA LEU A 41 2.75 0.72 -6.97
C LEU A 41 2.46 1.20 -5.56
N THR A 42 1.73 2.30 -5.44
CA THR A 42 1.43 2.85 -4.13
C THR A 42 0.20 3.74 -4.20
N ALA A 43 -0.05 4.49 -3.15
CA ALA A 43 -1.21 5.38 -3.13
C ALA A 43 -0.88 6.78 -3.66
N ALA A 44 -1.81 7.33 -4.44
CA ALA A 44 -1.61 8.66 -5.02
C ALA A 44 -1.39 9.77 -3.98
N HIS A 45 -2.08 9.71 -2.85
CA HIS A 45 -1.91 10.75 -1.86
C HIS A 45 -0.51 10.74 -1.23
N CYS A 46 0.26 9.71 -1.54
CA CYS A 46 1.61 9.60 -1.02
C CYS A 46 2.59 10.39 -1.90
N ALA A 47 2.07 10.99 -2.97
CA ALA A 47 2.88 11.78 -3.89
C ALA A 47 3.57 12.96 -3.22
N GLY A 48 4.71 13.36 -3.77
CA GLY A 48 5.44 14.49 -3.22
C GLY A 48 6.26 15.20 -4.27
N ARG A 49 7.17 16.04 -3.80
CA ARG A 49 8.06 16.77 -4.69
C ARG A 49 9.03 15.71 -5.20
N SER A 50 9.54 14.88 -4.30
CA SER A 50 10.45 13.80 -4.67
C SER A 50 10.26 12.67 -3.68
N ILE A 51 10.60 11.44 -4.10
CA ILE A 51 10.44 10.26 -3.25
C ILE A 51 11.62 9.31 -3.36
N THR A 52 11.97 8.69 -2.23
CA THR A 52 13.07 7.72 -2.17
C THR A 52 12.48 6.40 -1.73
N VAL A 53 12.73 5.35 -2.50
CA VAL A 53 12.20 4.05 -2.17
C VAL A 53 13.26 3.18 -1.52
N THR A 54 12.85 2.42 -0.51
CA THR A 54 13.78 1.51 0.16
C THR A 54 13.17 0.12 0.13
N LEU A 55 13.83 -0.78 -0.59
CA LEU A 55 13.38 -2.16 -0.70
C LEU A 55 14.28 -3.05 0.16
N GLY A 56 13.78 -4.23 0.49
CA GLY A 56 14.55 -5.18 1.27
C GLY A 56 14.64 -4.85 2.75
N ALA A 57 13.78 -3.97 3.23
CA ALA A 57 13.83 -3.59 4.62
C ALA A 57 12.85 -4.29 5.55
N HIS A 58 13.22 -4.34 6.83
CA HIS A 58 12.41 -4.91 7.90
C HIS A 58 12.39 -3.83 8.98
N ASN A 59 13.50 -3.66 9.68
CA ASN A 59 13.61 -2.61 10.69
C ASN A 59 14.24 -1.42 9.94
N ILE A 60 13.43 -0.42 9.59
CA ILE A 60 13.94 0.72 8.83
C ILE A 60 14.92 1.66 9.52
N THR A 61 15.20 1.44 10.80
CA THR A 61 16.14 2.32 11.49
C THR A 61 17.56 1.78 11.38
N GLU A 62 17.69 0.50 11.02
CA GLU A 62 19.02 -0.10 10.89
C GLU A 62 19.31 -0.64 9.50
N GLU A 63 20.16 0.07 8.77
CA GLU A 63 20.55 -0.32 7.42
C GLU A 63 21.25 -1.68 7.39
N GLU A 64 20.85 -2.54 6.45
CA GLU A 64 21.45 -3.86 6.30
C GLU A 64 21.69 -4.14 4.82
N ASP A 65 22.55 -5.12 4.54
CA ASP A 65 22.87 -5.46 3.16
C ASP A 65 21.69 -5.73 2.24
N THR A 66 20.56 -6.16 2.80
CA THR A 66 19.39 -6.42 1.98
C THR A 66 18.83 -5.10 1.45
N TRP A 67 19.16 -4.00 2.11
CA TRP A 67 18.68 -2.68 1.69
C TRP A 67 19.07 -2.30 0.28
N GLN A 68 18.16 -1.60 -0.38
CA GLN A 68 18.35 -1.09 -1.73
C GLN A 68 17.55 0.20 -1.76
N LYS A 69 18.23 1.32 -1.54
CA LYS A 69 17.57 2.62 -1.56
C LYS A 69 17.64 3.10 -3.00
N LEU A 70 16.48 3.31 -3.62
CA LEU A 70 16.45 3.75 -5.01
C LEU A 70 15.77 5.09 -5.27
N GLU A 71 16.28 5.79 -6.29
CA GLU A 71 15.78 7.10 -6.73
C GLU A 71 14.53 6.95 -7.59
N VAL A 72 13.54 7.79 -7.35
CA VAL A 72 12.33 7.76 -8.16
C VAL A 72 12.49 8.92 -9.13
N ILE A 73 12.45 8.64 -10.44
CA ILE A 73 12.61 9.72 -11.40
C ILE A 73 11.31 10.33 -11.86
N LYS A 74 10.24 9.55 -11.85
CA LYS A 74 8.93 10.03 -12.28
C LYS A 74 7.78 9.45 -11.43
N GLN A 75 6.86 10.31 -11.03
CA GLN A 75 5.69 9.90 -10.25
C GLN A 75 4.45 9.94 -11.13
N PHE A 76 3.82 8.80 -11.32
CA PHE A 76 2.61 8.77 -12.14
C PHE A 76 1.35 8.60 -11.29
N ARG A 77 0.64 9.70 -11.06
CA ARG A 77 -0.60 9.69 -10.28
C ARG A 77 -1.74 9.47 -11.25
N HIS A 78 -2.79 8.81 -10.82
CA HIS A 78 -3.92 8.59 -11.72
C HIS A 78 -4.44 9.97 -12.13
N PRO A 79 -4.74 10.16 -13.42
CA PRO A 79 -5.25 11.42 -13.98
C PRO A 79 -6.48 11.97 -13.28
N LYS A 80 -7.38 11.08 -12.88
CA LYS A 80 -8.62 11.47 -12.23
C LYS A 80 -8.55 11.55 -10.69
N TYR A 81 -7.34 11.41 -10.15
CA TYR A 81 -7.13 11.46 -8.70
C TYR A 81 -7.80 12.66 -8.05
N ASN A 82 -8.68 12.40 -7.07
CA ASN A 82 -9.42 13.46 -6.38
C ASN A 82 -9.13 13.56 -4.88
N THR A 83 -8.61 14.71 -4.46
CA THR A 83 -8.25 14.97 -3.05
C THR A 83 -9.42 15.22 -2.10
N SER A 84 -10.61 15.43 -2.64
CA SER A 84 -11.75 15.65 -1.78
C SER A 84 -12.57 14.37 -1.57
N THR A 85 -12.72 13.58 -2.64
CA THR A 85 -13.44 12.28 -2.61
C THR A 85 -12.45 11.15 -2.36
N LEU A 86 -11.20 11.38 -2.70
CA LEU A 86 -10.19 10.35 -2.44
C LEU A 86 -10.27 9.16 -3.37
N HIS A 87 -10.99 9.35 -4.48
CA HIS A 87 -11.16 8.32 -5.49
C HIS A 87 -9.88 8.27 -6.27
N HIS A 88 -9.64 7.10 -6.87
CA HIS A 88 -8.49 6.86 -7.71
C HIS A 88 -7.21 7.16 -6.99
N ASP A 89 -7.11 6.69 -5.76
CA ASP A 89 -5.89 6.93 -5.00
C ASP A 89 -4.86 5.86 -5.36
N ILE A 90 -4.30 5.96 -6.56
CA ILE A 90 -3.31 4.99 -7.02
C ILE A 90 -2.21 5.69 -7.81
N MET A 91 -0.97 5.29 -7.53
CA MET A 91 0.16 5.90 -8.21
C MET A 91 1.27 4.92 -8.53
N LEU A 92 1.87 5.10 -9.70
CA LEU A 92 2.99 4.28 -10.13
C LEU A 92 4.23 5.13 -10.07
N LEU A 93 5.29 4.56 -9.51
CA LEU A 93 6.57 5.24 -9.38
C LEU A 93 7.58 4.49 -10.24
N LYS A 94 8.23 5.21 -11.16
CA LYS A 94 9.24 4.57 -12.00
C LYS A 94 10.59 4.79 -11.32
N LEU A 95 11.37 3.73 -11.18
CA LEU A 95 12.67 3.83 -10.53
C LEU A 95 13.78 4.23 -11.49
N LYS A 96 14.82 4.85 -10.93
CA LYS A 96 15.98 5.30 -11.70
C LYS A 96 16.57 4.10 -12.41
N GLU A 97 16.89 3.08 -11.62
CA GLU A 97 17.46 1.85 -12.16
C GLU A 97 16.51 0.73 -11.76
N LYS A 98 16.76 -0.47 -12.24
CA LYS A 98 15.93 -1.61 -11.89
C LYS A 98 16.55 -2.18 -10.62
N ALA A 99 15.72 -2.66 -9.69
CA ALA A 99 16.25 -3.21 -8.46
C ALA A 99 16.88 -4.57 -8.73
N SER A 100 17.65 -5.07 -7.77
CA SER A 100 18.29 -6.36 -7.92
C SER A 100 17.38 -7.38 -7.28
N LEU A 101 17.26 -8.54 -7.90
CA LEU A 101 16.40 -9.60 -7.38
C LEU A 101 17.19 -10.39 -6.35
N THR A 102 16.75 -10.31 -5.10
CA THR A 102 17.42 -11.00 -4.01
C THR A 102 16.39 -11.76 -3.20
N LEU A 103 16.83 -12.42 -2.13
CA LEU A 103 15.91 -13.16 -1.29
C LEU A 103 15.04 -12.15 -0.57
N ALA A 104 15.60 -10.97 -0.33
CA ALA A 104 14.92 -9.90 0.40
C ALA A 104 14.22 -8.87 -0.49
N VAL A 105 14.45 -8.95 -1.81
CA VAL A 105 13.84 -8.01 -2.72
C VAL A 105 13.37 -8.67 -4.01
N GLY A 106 12.07 -8.59 -4.26
CA GLY A 106 11.48 -9.18 -5.45
C GLY A 106 10.17 -8.50 -5.82
N THR A 107 9.58 -8.91 -6.93
CA THR A 107 8.32 -8.31 -7.39
C THR A 107 7.08 -9.11 -7.05
N LEU A 108 5.95 -8.43 -7.04
CA LEU A 108 4.67 -9.05 -6.76
C LEU A 108 3.90 -8.81 -8.03
N PRO A 109 3.86 -9.81 -8.93
CA PRO A 109 3.16 -9.74 -10.22
C PRO A 109 1.72 -9.34 -10.04
N PHE A 110 1.33 -8.16 -10.55
CA PHE A 110 -0.08 -7.76 -10.43
C PHE A 110 -0.81 -8.79 -11.32
N PRO A 111 -1.11 -9.95 -10.71
CA PRO A 111 -1.74 -11.24 -11.03
C PRO A 111 -2.55 -11.47 -12.28
N SER A 112 -3.61 -12.25 -12.07
CA SER A 112 -4.57 -12.66 -13.08
C SER A 112 -5.64 -13.39 -12.27
N GLN A 113 -6.67 -12.65 -11.86
CA GLN A 113 -7.74 -13.23 -11.06
C GLN A 113 -8.92 -13.71 -11.91
N LYS A 114 -9.29 -14.97 -11.71
CA LYS A 114 -10.40 -15.56 -12.46
C LYS A 114 -11.73 -15.00 -11.95
N ASN A 115 -11.82 -14.78 -10.65
CA ASN A 115 -13.02 -14.23 -10.04
C ASN A 115 -12.69 -13.26 -8.92
N PHE A 116 -13.55 -12.26 -8.72
CA PHE A 116 -13.34 -11.27 -7.67
C PHE A 116 -13.40 -11.92 -6.29
N VAL A 117 -12.60 -11.42 -5.37
CA VAL A 117 -12.55 -11.98 -4.02
C VAL A 117 -13.83 -11.71 -3.23
N PRO A 118 -14.58 -12.78 -2.91
CA PRO A 118 -15.84 -12.66 -2.15
C PRO A 118 -15.67 -12.19 -0.72
N PRO A 119 -16.43 -11.16 -0.31
CA PRO A 119 -16.30 -10.70 1.07
C PRO A 119 -16.41 -11.93 1.97
N GLY A 120 -15.87 -11.85 3.19
CA GLY A 120 -15.91 -12.98 4.09
C GLY A 120 -14.54 -13.61 4.02
N ARG A 121 -13.85 -13.33 2.91
CA ARG A 121 -12.51 -13.84 2.69
C ARG A 121 -11.49 -13.05 3.50
N MET A 122 -10.52 -13.74 4.08
CA MET A 122 -9.49 -13.07 4.87
C MET A 122 -8.31 -12.74 3.96
N CYS A 123 -7.75 -11.55 4.12
CA CYS A 123 -6.61 -11.14 3.34
C CYS A 123 -5.63 -10.54 4.32
N ARG A 124 -4.47 -10.13 3.85
CA ARG A 124 -3.50 -9.52 4.75
C ARG A 124 -2.79 -8.31 4.18
N VAL A 125 -2.45 -7.38 5.08
CA VAL A 125 -1.78 -6.16 4.74
C VAL A 125 -0.60 -5.93 5.69
N ALA A 126 0.50 -5.45 5.14
CA ALA A 126 1.71 -5.18 5.91
C ALA A 126 2.07 -3.70 5.80
N GLY A 127 2.94 -3.23 6.69
CA GLY A 127 3.33 -1.84 6.65
C GLY A 127 4.16 -1.40 7.84
N TRP A 128 4.60 -0.15 7.80
CA TRP A 128 5.40 0.45 8.86
C TRP A 128 4.61 1.56 9.54
N GLY A 129 3.30 1.58 9.29
CA GLY A 129 2.46 2.59 9.89
C GLY A 129 2.23 2.48 11.38
N ARG A 130 1.72 3.56 11.95
CA ARG A 130 1.42 3.64 13.37
C ARG A 130 0.74 2.35 13.80
N THR A 131 0.91 2.00 15.07
CA THR A 131 0.32 0.77 15.62
C THR A 131 -0.83 1.13 16.56
N GLY A 132 -1.19 2.40 16.59
CA GLY A 132 -2.27 2.86 17.44
C GLY A 132 -2.61 4.30 17.12
N VAL A 133 -3.68 4.82 17.68
CA VAL A 133 -4.05 6.20 17.40
C VAL A 133 -2.97 7.21 17.78
N LEU A 134 -2.47 7.13 19.02
CA LEU A 134 -1.43 8.08 19.45
C LEU A 134 -0.03 7.45 19.44
N LYS A 135 0.08 6.29 18.80
CA LYS A 135 1.33 5.55 18.66
C LYS A 135 2.14 6.05 17.46
N PRO A 136 3.47 5.86 17.48
CA PRO A 136 4.29 6.30 16.36
C PRO A 136 4.35 5.21 15.26
N GLY A 137 5.04 5.49 14.16
CA GLY A 137 5.15 4.50 13.12
C GLY A 137 6.00 3.37 13.66
N SER A 138 5.82 2.17 13.13
CA SER A 138 6.58 1.02 13.59
C SER A 138 7.96 0.96 12.96
N ASP A 139 8.95 0.53 13.74
CA ASP A 139 10.31 0.45 13.20
C ASP A 139 10.38 -0.77 12.29
N THR A 140 9.67 -1.83 12.67
CA THR A 140 9.66 -3.06 11.88
C THR A 140 8.38 -3.33 11.10
N LEU A 141 8.51 -4.03 9.99
CA LEU A 141 7.38 -4.34 9.13
C LEU A 141 6.32 -5.16 9.85
N GLN A 142 5.14 -4.58 10.08
CA GLN A 142 4.09 -5.31 10.74
C GLN A 142 3.15 -5.95 9.73
N GLU A 143 2.34 -6.90 10.20
CA GLU A 143 1.41 -7.59 9.31
C GLU A 143 0.14 -8.04 10.07
N VAL A 144 -1.01 -7.96 9.42
CA VAL A 144 -2.26 -8.38 10.05
C VAL A 144 -3.27 -8.95 9.07
N LYS A 145 -4.13 -9.82 9.59
CA LYS A 145 -5.17 -10.44 8.79
C LYS A 145 -6.49 -9.71 8.94
N LEU A 146 -7.03 -9.23 7.82
CA LEU A 146 -8.29 -8.50 7.82
C LEU A 146 -9.33 -9.12 6.90
N ARG A 147 -10.59 -9.01 7.32
CA ARG A 147 -11.69 -9.56 6.55
C ARG A 147 -12.23 -8.59 5.52
N LEU A 148 -12.41 -9.09 4.30
CA LEU A 148 -12.93 -8.30 3.20
C LEU A 148 -14.42 -8.17 3.52
N MET A 149 -14.89 -6.94 3.62
CA MET A 149 -16.27 -6.66 3.97
C MET A 149 -17.19 -6.41 2.78
N ASP A 150 -18.50 -6.53 3.02
CA ASP A 150 -19.45 -6.25 1.95
C ASP A 150 -19.35 -4.75 1.81
N PRO A 151 -19.54 -4.23 0.61
CA PRO A 151 -19.46 -2.77 0.42
C PRO A 151 -20.32 -1.98 1.41
N GLN A 152 -21.42 -2.57 1.87
CA GLN A 152 -22.29 -1.88 2.82
C GLN A 152 -21.56 -1.47 4.08
N ALA A 153 -20.62 -2.29 4.53
CA ALA A 153 -19.87 -2.00 5.75
C ALA A 153 -19.12 -0.67 5.67
N CYS A 154 -18.87 -0.19 4.45
CA CYS A 154 -18.15 1.06 4.28
C CYS A 154 -19.05 2.22 3.86
N SER A 155 -20.34 2.05 4.10
CA SER A 155 -21.30 3.06 3.73
C SER A 155 -21.06 4.42 4.38
N HIS A 156 -20.66 4.42 5.65
CA HIS A 156 -20.44 5.70 6.35
C HIS A 156 -19.43 6.58 5.63
N PHE A 157 -18.55 5.97 4.85
CA PHE A 157 -17.60 6.76 4.09
C PHE A 157 -18.42 7.18 2.86
N ARG A 158 -19.09 8.32 2.98
CA ARG A 158 -19.95 8.87 1.94
C ARG A 158 -19.46 8.86 0.49
N ASP A 159 -18.16 8.75 0.28
CA ASP A 159 -17.69 8.74 -1.09
C ASP A 159 -17.09 7.40 -1.53
N PHE A 160 -17.27 6.40 -0.68
CA PHE A 160 -16.80 5.05 -0.97
C PHE A 160 -17.57 4.48 -2.15
N ASP A 161 -16.89 3.78 -3.04
CA ASP A 161 -17.54 3.18 -4.21
C ASP A 161 -17.05 1.75 -4.40
N HIS A 162 -18.00 0.82 -4.38
CA HIS A 162 -17.74 -0.61 -4.53
C HIS A 162 -16.88 -0.99 -5.74
N ASN A 163 -17.21 -0.43 -6.90
CA ASN A 163 -16.46 -0.74 -8.12
C ASN A 163 -15.03 -0.24 -8.04
N LEU A 164 -14.83 0.84 -7.29
CA LEU A 164 -13.51 1.43 -7.18
C LEU A 164 -12.68 1.06 -5.96
N GLN A 165 -13.34 0.66 -4.88
CA GLN A 165 -12.58 0.37 -3.67
C GLN A 165 -13.02 -0.89 -2.95
N LEU A 166 -12.20 -1.33 -1.99
CA LEU A 166 -12.51 -2.53 -1.22
C LEU A 166 -12.75 -2.10 0.21
N CYS A 167 -13.67 -2.79 0.87
CA CYS A 167 -14.00 -2.52 2.27
C CYS A 167 -13.27 -3.60 3.07
N VAL A 168 -12.27 -3.20 3.85
CA VAL A 168 -11.44 -4.13 4.60
C VAL A 168 -11.39 -3.89 6.09
N GLY A 169 -11.51 -4.98 6.85
CA GLY A 169 -11.46 -4.87 8.30
C GLY A 169 -12.80 -4.96 9.00
N ASN A 170 -13.00 -6.05 9.74
CA ASN A 170 -14.23 -6.29 10.50
C ASN A 170 -14.36 -5.19 11.55
N PRO A 171 -15.55 -4.57 11.65
CA PRO A 171 -15.70 -3.51 12.64
C PRO A 171 -15.70 -4.00 14.08
N ARG A 172 -15.96 -5.29 14.29
CA ARG A 172 -15.98 -5.86 15.63
C ARG A 172 -14.60 -6.13 16.20
N LYS A 173 -13.57 -5.95 15.38
CA LYS A 173 -12.21 -6.18 15.82
C LYS A 173 -11.48 -4.86 15.71
N THR A 174 -10.37 -4.71 16.43
CA THR A 174 -9.60 -3.47 16.39
C THR A 174 -8.56 -3.52 15.28
N LYS A 175 -8.19 -4.72 14.85
CA LYS A 175 -7.19 -4.88 13.80
C LYS A 175 -7.56 -4.04 12.58
N SER A 176 -6.54 -3.49 11.91
CA SER A 176 -6.76 -2.65 10.74
C SER A 176 -5.47 -2.02 10.24
N ALA A 177 -5.55 -1.34 9.10
CA ALA A 177 -4.43 -0.62 8.53
C ALA A 177 -4.58 0.80 9.10
N PHE A 178 -3.49 1.53 9.26
CA PHE A 178 -3.59 2.88 9.82
C PHE A 178 -2.57 3.81 9.20
N LYS A 179 -2.67 5.09 9.60
CA LYS A 179 -1.78 6.14 9.13
C LYS A 179 -0.40 5.53 8.95
N GLY A 180 0.19 5.74 7.77
CA GLY A 180 1.50 5.21 7.50
C GLY A 180 1.48 3.99 6.59
N ASP A 181 0.46 3.15 6.72
CA ASP A 181 0.38 1.97 5.88
C ASP A 181 -0.06 2.25 4.45
N SER A 182 -0.58 3.45 4.20
CA SER A 182 -1.04 3.84 2.87
C SER A 182 -0.07 3.44 1.76
N GLY A 183 -0.60 2.92 0.66
CA GLY A 183 0.24 2.54 -0.45
C GLY A 183 0.62 1.08 -0.46
N GLY A 184 0.49 0.44 0.70
CA GLY A 184 0.83 -0.96 0.80
C GLY A 184 -0.20 -1.80 0.08
N PRO A 185 0.14 -3.07 -0.19
CA PRO A 185 -0.81 -3.95 -0.88
C PRO A 185 -1.62 -4.86 0.05
N LEU A 186 -2.86 -5.11 -0.34
CA LEU A 186 -3.70 -6.01 0.41
C LEU A 186 -3.61 -7.31 -0.39
N LEU A 187 -3.19 -8.38 0.25
CA LEU A 187 -3.08 -9.64 -0.47
C LEU A 187 -4.07 -10.68 -0.03
N CYS A 188 -4.82 -11.20 -0.99
CA CYS A 188 -5.78 -12.25 -0.70
C CYS A 188 -5.24 -13.43 -1.50
N ALA A 189 -5.18 -14.59 -0.87
CA ALA A 189 -4.68 -15.78 -1.57
C ALA A 189 -3.34 -15.54 -2.27
N GLY A 190 -2.49 -14.70 -1.69
CA GLY A 190 -1.19 -14.44 -2.29
C GLY A 190 -1.20 -13.50 -3.48
N ALA A 191 -2.36 -12.97 -3.83
CA ALA A 191 -2.46 -12.05 -4.95
C ALA A 191 -2.91 -10.67 -4.48
N ALA A 192 -2.19 -9.64 -4.93
CA ALA A 192 -2.53 -8.26 -4.57
C ALA A 192 -3.89 -7.90 -5.11
N GLN A 193 -4.77 -7.42 -4.23
CA GLN A 193 -6.12 -7.04 -4.62
C GLN A 193 -6.41 -5.60 -4.27
N GLY A 194 -5.63 -5.03 -3.35
CA GLY A 194 -5.87 -3.65 -2.98
C GLY A 194 -4.65 -2.84 -2.58
N ILE A 195 -4.90 -1.58 -2.24
CA ILE A 195 -3.86 -0.62 -1.83
C ILE A 195 -4.45 0.21 -0.69
N VAL A 196 -3.75 0.25 0.44
CA VAL A 196 -4.25 1.01 1.58
C VAL A 196 -4.45 2.48 1.17
N SER A 197 -5.66 2.99 1.36
CA SER A 197 -5.97 4.37 1.00
C SER A 197 -6.35 5.29 2.15
N TYR A 198 -7.42 4.97 2.88
CA TYR A 198 -7.84 5.79 4.02
C TYR A 198 -8.78 5.10 5.01
N GLY A 199 -8.99 5.75 6.14
CA GLY A 199 -9.88 5.21 7.16
C GLY A 199 -10.21 6.31 8.15
N ARG A 200 -10.92 5.98 9.23
CA ARG A 200 -11.27 6.96 10.25
C ARG A 200 -10.02 7.30 11.06
N SER A 201 -9.90 8.57 11.46
CA SER A 201 -8.76 9.00 12.24
C SER A 201 -8.73 8.27 13.59
N ASP A 202 -9.88 7.81 14.07
CA ASP A 202 -9.92 7.13 15.36
C ASP A 202 -9.59 5.65 15.22
N ALA A 203 -9.26 5.25 13.99
CA ALA A 203 -8.85 3.87 13.70
C ALA A 203 -9.91 2.77 13.77
N LYS A 204 -11.18 3.11 13.88
CA LYS A 204 -12.20 2.07 13.92
C LYS A 204 -12.41 1.51 12.50
N PRO A 205 -12.12 0.23 12.29
CA PRO A 205 -12.30 -0.38 10.96
C PRO A 205 -13.80 -0.48 10.64
N PRO A 206 -14.14 -0.76 9.37
CA PRO A 206 -13.29 -1.02 8.20
C PRO A 206 -12.46 0.17 7.76
N ALA A 207 -11.64 -0.08 6.74
CA ALA A 207 -10.79 0.93 6.15
C ALA A 207 -11.04 0.85 4.64
N VAL A 208 -10.68 1.92 3.93
CA VAL A 208 -10.89 1.97 2.49
C VAL A 208 -9.63 1.68 1.70
N PHE A 209 -9.72 0.71 0.80
CA PHE A 209 -8.59 0.32 -0.04
C PHE A 209 -8.98 0.46 -1.51
N THR A 210 -8.03 0.90 -2.33
CA THR A 210 -8.27 1.04 -3.77
C THR A 210 -8.41 -0.35 -4.37
N ARG A 211 -9.36 -0.51 -5.31
CA ARG A 211 -9.53 -1.80 -5.95
C ARG A 211 -8.59 -1.85 -7.14
N ILE A 212 -7.48 -2.55 -6.99
CA ILE A 212 -6.50 -2.66 -8.06
C ILE A 212 -7.08 -3.10 -9.41
N SER A 213 -7.77 -4.25 -9.43
CA SER A 213 -8.37 -4.80 -10.63
C SER A 213 -8.95 -3.74 -11.56
N HIS A 214 -9.71 -2.83 -10.98
CA HIS A 214 -10.34 -1.76 -11.73
C HIS A 214 -9.37 -0.88 -12.51
N TYR A 215 -8.13 -0.75 -12.04
CA TYR A 215 -7.16 0.11 -12.73
C TYR A 215 -6.12 -0.66 -13.55
N GLN A 216 -6.27 -1.97 -13.61
CA GLN A 216 -5.33 -2.79 -14.35
C GLN A 216 -5.05 -2.19 -15.75
N PRO A 217 -6.10 -1.72 -16.45
CA PRO A 217 -5.86 -1.14 -17.78
C PRO A 217 -5.02 0.13 -17.78
N TRP A 218 -5.23 0.99 -16.80
CA TRP A 218 -4.46 2.23 -16.70
C TRP A 218 -3.02 1.91 -16.33
N ILE A 219 -2.82 0.89 -15.50
CA ILE A 219 -1.49 0.51 -15.07
C ILE A 219 -0.66 0.02 -16.26
N ASN A 220 -1.23 -0.88 -17.06
CA ASN A 220 -0.52 -1.40 -18.22
C ASN A 220 -0.23 -0.26 -19.19
N GLN A 221 -1.10 0.73 -19.22
CA GLN A 221 -0.90 1.85 -20.12
C GLN A 221 0.39 2.58 -19.72
N ILE A 222 0.50 2.97 -18.45
CA ILE A 222 1.70 3.67 -17.99
C ILE A 222 2.93 2.81 -18.22
N LEU A 223 2.86 1.53 -17.86
CA LEU A 223 3.99 0.64 -18.03
C LEU A 223 4.45 0.60 -19.49
N GLN A 224 3.51 0.31 -20.38
CA GLN A 224 3.82 0.21 -21.80
C GLN A 224 4.40 1.48 -22.40
N ALA A 225 4.16 2.63 -21.77
CA ALA A 225 4.69 3.88 -22.30
C ALA A 225 5.92 4.41 -21.60
N ASN A 226 6.51 3.63 -20.70
CA ASN A 226 7.69 4.08 -19.97
C ASN A 226 8.65 2.94 -19.65
CAO DRX B . -5.52 6.06 7.09
CAP DRX B . -5.15 4.84 6.40
CAQ DRX B . -5.66 3.56 6.88
CLR DRX B . -5.21 2.07 6.05
CBB DRX B . -6.51 3.49 8.02
CBA DRX B . -6.92 4.66 8.74
CAZ DRX B . -6.44 5.93 8.29
SBC DRX B . -6.75 7.66 8.95
CAY DRX B . -5.68 8.52 7.68
CAN DRX B . -5.12 7.52 6.79
CAM DRX B . -4.21 7.86 5.60
PAD DRX B . -2.48 8.06 6.10
OAB DRX B . -2.43 9.04 7.40
OAE DRX B . -1.68 8.80 4.92
OAC DRX B . -1.84 6.74 6.41
CAL DRX B . -4.64 9.17 4.88
OAX DRX B . -4.64 10.25 5.48
NAK DRX B . -5.00 8.98 3.58
CAW DRX B . -5.37 9.91 2.64
CAV DRX B . -5.73 9.35 1.36
CAU DRX B . -6.14 10.23 0.30
CAT DRX B . -6.50 9.70 -0.98
CAS DRX B . -6.91 10.59 -2.03
CAF DRX B . -6.94 12.00 -1.80
CAG DRX B . -6.57 12.55 -0.54
CAH DRX B . -6.16 11.67 0.52
CAI DRX B . -5.80 12.22 1.78
CAJ DRX B . -5.41 11.34 2.83
#